data_2XRM
#
_entry.id   2XRM
#
_cell.length_a   132.982
_cell.length_b   132.982
_cell.length_c   132.982
_cell.angle_alpha   90.00
_cell.angle_beta   90.00
_cell.angle_gamma   90.00
#
_symmetry.space_group_name_H-M   'I 2 3'
#
loop_
_entity.id
_entity.type
_entity.pdbx_description
1 polymer 'INTRACELLULAR SUBTILISIN PROTEASE'
2 non-polymer 'SODIUM ION'
3 non-polymer 'STRONTIUM ION'
4 non-polymer 'CALCIUM ION'
5 non-polymer 'PENTAETHYLENE GLYCOL'
6 water water
#
_entity_poly.entity_id   1
_entity_poly.type   'polypeptide(L)'
_entity_poly.pdbx_seq_one_letter_code
;SEVPMGVEIVEAPAVWRASAKGAGQIIGVIDTGCQVDHPDLAERIIGGVNLTTDYGGDETNFSDNNGHGTHVAGTVAAAE
TGSGVVGVAPKADLFIIKALSGDGSGEMGWIAKAIRYAVDWRGPKGEQMRIITMSLGGPTDSEELHDAVKYAVSNNVSVV
CAAGNEGDGREDTNEFAYPAAYNEVIAVGAVDFDLRLSDFTNTNEEIDIVAPGVGIKSTYLDSGYAELSGTAMAAPHVAG
ALALIINLAEDAFKRSLSETEIYAQLVRRATPIGFTAQAEGNGFLTLDLVERITGQFTEKGKKLEHHHHHH
;
_entity_poly.pdbx_strand_id   A
#
loop_
_chem_comp.id
_chem_comp.type
_chem_comp.name
_chem_comp.formula
1PE non-polymer 'PENTAETHYLENE GLYCOL' 'C10 H22 O6'
CA non-polymer 'CALCIUM ION' 'Ca 2'
NA non-polymer 'SODIUM ION' 'Na 1'
SR non-polymer 'STRONTIUM ION' 'Sr 2'
#
# COMPACT_ATOMS: atom_id res chain seq x y z
N SER A 1 6.65 -14.69 15.39
CA SER A 1 5.38 -15.22 14.77
C SER A 1 5.30 -14.96 13.28
N GLU A 2 4.38 -15.68 12.66
CA GLU A 2 4.05 -15.48 11.29
C GLU A 2 3.92 -13.98 10.96
N VAL A 3 3.54 -13.18 11.96
CA VAL A 3 3.35 -11.71 11.82
C VAL A 3 4.63 -10.88 11.99
N PRO A 4 4.98 -10.05 10.97
CA PRO A 4 6.13 -9.14 11.13
C PRO A 4 5.80 -7.90 11.99
N MET A 5 6.83 -7.28 12.55
CA MET A 5 6.66 -6.20 13.49
C MET A 5 5.90 -5.01 12.92
N GLY A 6 6.11 -4.70 11.65
CA GLY A 6 5.42 -3.57 10.99
C GLY A 6 3.92 -3.76 10.94
N VAL A 7 3.47 -4.98 10.65
CA VAL A 7 2.03 -5.35 10.71
C VAL A 7 1.52 -5.26 12.15
N GLU A 8 2.45 -5.28 13.10
CA GLU A 8 2.15 -5.30 14.52
C GLU A 8 2.01 -3.90 15.12
N ILE A 9 3.03 -3.04 14.97
CA ILE A 9 2.94 -1.65 15.51
C ILE A 9 1.79 -0.82 14.91
N VAL A 10 1.61 -0.96 13.61
CA VAL A 10 0.48 -0.48 12.85
C VAL A 10 -0.90 -0.97 13.40
N GLU A 11 -0.88 -2.04 14.21
CA GLU A 11 -2.03 -2.56 14.98
C GLU A 11 -3.07 -3.28 14.13
N ALA A 12 -2.61 -3.94 13.07
CA ALA A 12 -3.58 -4.58 12.17
C ALA A 12 -4.36 -5.64 12.93
N PRO A 13 -3.63 -6.47 13.70
CA PRO A 13 -4.32 -7.57 14.42
C PRO A 13 -5.47 -7.07 15.29
N ALA A 14 -5.32 -5.89 15.93
CA ALA A 14 -6.43 -5.38 16.76
C ALA A 14 -7.76 -5.18 16.06
N VAL A 15 -7.79 -5.24 14.71
CA VAL A 15 -9.01 -4.88 13.95
C VAL A 15 -9.40 -5.92 12.87
N TRP A 16 -8.55 -6.91 12.66
CA TRP A 16 -8.88 -8.06 11.81
C TRP A 16 -10.30 -8.63 11.99
N ARG A 17 -10.67 -8.87 13.26
CA ARG A 17 -11.98 -9.41 13.56
C ARG A 17 -13.03 -8.53 12.95
N ALA A 18 -12.96 -7.24 13.23
CA ALA A 18 -14.06 -6.35 12.84
C ALA A 18 -14.03 -6.02 11.36
N SER A 19 -12.88 -6.24 10.75
CA SER A 19 -12.66 -5.90 9.35
C SER A 19 -12.80 -7.11 8.39
N ALA A 20 -12.95 -8.33 8.93
CA ALA A 20 -13.03 -9.57 8.12
C ALA A 20 -11.69 -9.76 7.39
N LYS A 21 -10.64 -9.23 8.01
CA LYS A 21 -9.27 -9.32 7.51
C LYS A 21 -8.98 -8.73 6.11
N GLY A 22 -9.84 -7.84 5.64
CA GLY A 22 -9.72 -7.34 4.28
C GLY A 22 -10.60 -8.09 3.26
N ALA A 23 -11.27 -9.16 3.72
CA ALA A 23 -12.08 -10.01 2.83
C ALA A 23 -12.94 -9.13 1.97
N GLY A 24 -12.95 -9.45 0.69
CA GLY A 24 -13.88 -8.84 -0.25
C GLY A 24 -13.33 -7.58 -0.86
N GLN A 25 -12.04 -7.32 -0.68
CA GLN A 25 -11.43 -6.13 -1.30
C GLN A 25 -10.27 -6.59 -2.20
N ILE A 26 -10.14 -5.90 -3.33
CA ILE A 26 -9.14 -6.24 -4.31
C ILE A 26 -8.17 -5.07 -4.35
N ILE A 27 -6.92 -5.38 -4.04
CA ILE A 27 -5.88 -4.38 -4.07
C ILE A 27 -5.02 -4.52 -5.34
N GLY A 28 -4.95 -3.46 -6.14
CA GLY A 28 -4.03 -3.46 -7.28
C GLY A 28 -2.59 -3.19 -6.85
N VAL A 29 -1.67 -4.13 -7.07
CA VAL A 29 -0.22 -3.82 -6.89
C VAL A 29 0.57 -3.44 -8.17
N ILE A 30 0.93 -2.17 -8.30
CA ILE A 30 1.68 -1.70 -9.45
C ILE A 30 3.17 -1.67 -9.09
N ASP A 31 3.90 -2.66 -9.58
CA ASP A 31 5.32 -2.84 -9.22
C ASP A 31 6.02 -3.68 -10.31
N THR A 32 7.07 -4.40 -9.92
CA THR A 32 7.80 -5.29 -10.82
C THR A 32 7.10 -6.66 -10.99
N GLY A 33 5.78 -6.70 -10.82
CA GLY A 33 5.04 -7.97 -10.81
C GLY A 33 5.35 -8.82 -9.60
N CYS A 34 4.97 -10.10 -9.65
CA CYS A 34 4.99 -10.93 -8.44
C CYS A 34 5.20 -12.44 -8.65
N GLN A 35 5.97 -13.10 -7.77
CA GLN A 35 6.08 -14.57 -7.82
C GLN A 35 4.71 -15.26 -7.54
N VAL A 36 3.90 -15.48 -8.59
CA VAL A 36 2.53 -16.04 -8.45
C VAL A 36 2.40 -17.34 -7.62
N ASP A 37 3.52 -18.05 -7.49
CA ASP A 37 3.48 -19.37 -6.85
C ASP A 37 3.99 -19.35 -5.40
N HIS A 38 4.42 -18.20 -4.89
CA HIS A 38 4.89 -18.15 -3.50
C HIS A 38 3.78 -18.69 -2.57
N PRO A 39 4.12 -19.69 -1.72
CA PRO A 39 3.11 -20.29 -0.83
C PRO A 39 2.30 -19.27 0.00
N ASP A 40 2.97 -18.19 0.41
CA ASP A 40 2.35 -17.11 1.18
C ASP A 40 1.51 -16.12 0.38
N LEU A 41 1.30 -16.36 -0.92
CA LEU A 41 0.56 -15.41 -1.78
C LEU A 41 -0.42 -16.00 -2.78
N ALA A 42 -0.22 -17.26 -3.16
CA ALA A 42 -0.95 -17.85 -4.31
C ALA A 42 -2.49 -17.83 -4.27
N GLU A 43 -3.09 -17.92 -3.07
CA GLU A 43 -4.56 -17.90 -2.97
C GLU A 43 -5.09 -16.48 -2.77
N ARG A 44 -4.17 -15.53 -2.57
CA ARG A 44 -4.52 -14.10 -2.58
C ARG A 44 -4.57 -13.57 -4.03
N ILE A 45 -3.64 -14.01 -4.88
CA ILE A 45 -3.58 -13.47 -6.26
C ILE A 45 -4.68 -13.98 -7.16
N ILE A 46 -5.54 -13.10 -7.59
CA ILE A 46 -6.64 -13.55 -8.42
C ILE A 46 -6.51 -13.07 -9.86
N GLY A 47 -5.28 -12.73 -10.26
CA GLY A 47 -5.06 -12.22 -11.60
C GLY A 47 -4.03 -11.12 -11.64
N GLY A 48 -3.77 -10.64 -12.85
CA GLY A 48 -2.71 -9.67 -13.07
C GLY A 48 -2.46 -9.41 -14.54
N VAL A 49 -1.61 -8.43 -14.84
CA VAL A 49 -1.32 -8.02 -16.20
C VAL A 49 0.16 -7.61 -16.32
N ASN A 50 0.71 -7.76 -17.53
CA ASN A 50 2.06 -7.27 -17.81
C ASN A 50 1.96 -6.15 -18.81
N LEU A 51 2.51 -4.99 -18.44
CA LEU A 51 2.45 -3.81 -19.30
C LEU A 51 3.87 -3.32 -19.65
N THR A 52 4.87 -4.06 -19.19
CA THR A 52 6.24 -3.81 -19.62
C THR A 52 6.50 -4.61 -20.88
N THR A 53 7.58 -4.26 -21.55
CA THR A 53 8.05 -5.07 -22.64
C THR A 53 9.11 -6.07 -22.16
N ASP A 54 9.19 -6.26 -20.83
CA ASP A 54 9.85 -7.44 -20.26
C ASP A 54 9.13 -8.66 -20.83
N TYR A 55 9.86 -9.74 -21.06
CA TYR A 55 9.29 -10.91 -21.75
C TYR A 55 8.68 -10.53 -23.10
N GLY A 56 9.30 -9.58 -23.79
CA GLY A 56 8.78 -9.01 -25.05
C GLY A 56 7.29 -8.73 -25.17
N GLY A 57 6.84 -7.57 -24.66
CA GLY A 57 5.44 -7.14 -24.77
C GLY A 57 4.36 -8.14 -24.34
N ASP A 58 4.80 -9.21 -23.65
CA ASP A 58 3.98 -10.37 -23.27
C ASP A 58 2.92 -9.98 -22.21
N GLU A 59 1.73 -9.62 -22.71
CA GLU A 59 0.67 -9.04 -21.88
C GLU A 59 0.30 -9.82 -20.62
N THR A 60 0.49 -11.14 -20.64
CA THR A 60 -0.01 -11.99 -19.55
C THR A 60 1.07 -12.65 -18.71
N ASN A 61 2.32 -12.27 -18.91
CA ASN A 61 3.33 -12.74 -17.96
C ASN A 61 3.71 -11.65 -17.00
N PHE A 62 3.18 -11.75 -15.78
CA PHE A 62 3.43 -10.77 -14.72
C PHE A 62 4.20 -11.33 -13.51
N SER A 63 5.16 -12.23 -13.74
CA SER A 63 6.02 -12.74 -12.66
C SER A 63 7.13 -11.73 -12.39
N ASP A 64 8.03 -12.05 -11.46
CA ASP A 64 8.88 -11.02 -10.87
C ASP A 64 10.36 -11.16 -11.23
N ASN A 65 10.94 -10.18 -11.95
CA ASN A 65 12.37 -10.19 -12.33
C ASN A 65 13.23 -9.61 -11.24
N ASN A 66 12.59 -8.83 -10.37
CA ASN A 66 13.30 -8.04 -9.39
C ASN A 66 13.23 -8.62 -7.99
N GLY A 67 12.02 -8.96 -7.54
CA GLY A 67 11.82 -9.32 -6.14
C GLY A 67 11.10 -8.22 -5.37
N HIS A 68 11.17 -6.99 -5.88
CA HIS A 68 10.54 -5.85 -5.21
C HIS A 68 9.04 -6.09 -5.04
N GLY A 69 8.34 -6.31 -6.15
CA GLY A 69 6.88 -6.36 -6.13
C GLY A 69 6.31 -7.59 -5.49
N THR A 70 7.16 -8.60 -5.30
CA THR A 70 6.83 -9.76 -4.48
C THR A 70 6.84 -9.36 -3.00
N HIS A 71 7.86 -8.64 -2.56
CA HIS A 71 7.96 -8.05 -1.20
C HIS A 71 6.74 -7.19 -0.81
N VAL A 72 6.49 -6.18 -1.62
CA VAL A 72 5.38 -5.29 -1.39
C VAL A 72 4.09 -6.09 -1.21
N ALA A 73 3.93 -7.15 -1.97
CA ALA A 73 2.65 -7.84 -2.06
C ALA A 73 2.38 -8.60 -0.79
N GLY A 74 3.46 -9.09 -0.19
CA GLY A 74 3.41 -9.81 1.07
C GLY A 74 2.98 -8.91 2.20
N THR A 75 3.59 -7.73 2.25
CA THR A 75 3.20 -6.70 3.21
C THR A 75 1.71 -6.35 3.10
N VAL A 76 1.19 -6.24 1.88
CA VAL A 76 -0.24 -5.99 1.67
C VAL A 76 -1.11 -7.16 2.12
N ALA A 77 -0.85 -8.38 1.61
CA ALA A 77 -1.69 -9.55 1.95
C ALA A 77 -1.04 -10.92 2.09
N ALA A 78 0.22 -11.01 2.48
CA ALA A 78 0.73 -12.37 2.74
C ALA A 78 -0.26 -13.06 3.68
N ALA A 79 -0.83 -14.18 3.26
CA ALA A 79 -1.81 -14.90 4.10
C ALA A 79 -1.20 -15.67 5.29
N GLU A 80 -2.07 -15.94 6.27
CA GLU A 80 -1.71 -16.75 7.45
C GLU A 80 -1.81 -18.22 7.10
N THR A 81 -0.80 -18.97 7.54
CA THR A 81 -0.42 -20.25 6.95
C THR A 81 0.38 -21.08 7.94
N GLY A 82 0.60 -20.54 9.15
CA GLY A 82 1.67 -21.03 10.02
C GLY A 82 3.04 -20.59 9.52
N SER A 83 3.12 -20.20 8.23
CA SER A 83 4.42 -19.99 7.55
C SER A 83 4.80 -18.52 7.20
N GLY A 84 6.07 -18.23 7.42
CA GLY A 84 6.64 -16.98 7.02
C GLY A 84 5.98 -15.78 7.65
N VAL A 85 5.23 -15.07 6.83
CA VAL A 85 4.68 -13.77 7.17
C VAL A 85 3.17 -13.64 6.88
N VAL A 86 2.58 -12.60 7.47
CA VAL A 86 1.19 -12.25 7.22
C VAL A 86 1.19 -10.78 6.88
N GLY A 87 0.26 -10.38 6.01
CA GLY A 87 0.18 -9.00 5.57
C GLY A 87 -0.89 -8.27 6.33
N VAL A 88 -0.92 -6.94 6.20
CA VAL A 88 -1.86 -6.11 6.91
C VAL A 88 -3.29 -6.54 6.61
N ALA A 89 -3.52 -7.14 5.43
CA ALA A 89 -4.88 -7.59 5.06
C ALA A 89 -4.94 -9.01 4.42
N PRO A 90 -4.65 -10.07 5.22
CA PRO A 90 -4.40 -11.42 4.71
C PRO A 90 -5.63 -12.10 4.05
N LYS A 91 -6.77 -11.43 4.05
CA LYS A 91 -7.94 -11.94 3.35
C LYS A 91 -8.33 -11.04 2.14
N ALA A 92 -7.56 -9.98 1.89
CA ALA A 92 -7.78 -9.16 0.70
C ALA A 92 -7.13 -9.84 -0.51
N ASP A 93 -7.70 -9.61 -1.70
CA ASP A 93 -7.12 -10.16 -2.91
C ASP A 93 -6.26 -9.15 -3.70
N LEU A 94 -5.22 -9.68 -4.35
CA LEU A 94 -4.25 -8.86 -5.04
C LEU A 94 -4.35 -9.06 -6.56
N PHE A 95 -4.51 -7.96 -7.30
CA PHE A 95 -4.34 -7.99 -8.75
C PHE A 95 -2.95 -7.44 -9.11
N ILE A 96 -2.08 -8.28 -9.69
CA ILE A 96 -0.71 -7.81 -10.03
C ILE A 96 -0.61 -7.02 -11.33
N ILE A 97 -0.10 -5.81 -11.25
CA ILE A 97 0.21 -5.06 -12.42
C ILE A 97 1.72 -4.83 -12.46
N LYS A 98 2.42 -5.62 -13.28
CA LYS A 98 3.84 -5.39 -13.58
C LYS A 98 3.95 -4.19 -14.51
N ALA A 99 4.50 -3.09 -14.00
CA ALA A 99 4.73 -1.88 -14.81
C ALA A 99 6.13 -1.38 -14.54
N LEU A 100 6.91 -2.17 -13.80
CA LEU A 100 8.33 -1.95 -13.66
C LEU A 100 9.06 -3.16 -14.20
N SER A 101 10.33 -2.96 -14.53
CA SER A 101 11.12 -3.98 -15.14
C SER A 101 12.04 -4.64 -14.13
N GLY A 102 12.71 -5.70 -14.57
CA GLY A 102 13.69 -6.40 -13.76
C GLY A 102 14.72 -5.44 -13.25
N ASP A 103 14.94 -4.33 -13.98
CA ASP A 103 15.84 -3.24 -13.53
C ASP A 103 15.16 -2.25 -12.57
N GLY A 104 13.86 -2.48 -12.28
CA GLY A 104 13.07 -1.68 -11.36
C GLY A 104 12.73 -0.29 -11.87
N SER A 105 12.83 -0.09 -13.17
CA SER A 105 12.52 1.21 -13.75
C SER A 105 11.33 1.03 -14.66
N GLY A 106 10.60 2.12 -14.87
CA GLY A 106 9.43 2.07 -15.74
C GLY A 106 9.28 3.42 -16.39
N GLU A 107 8.55 3.46 -17.50
CA GLU A 107 8.38 4.73 -18.18
C GLU A 107 7.04 5.33 -17.77
N MET A 108 6.98 6.65 -17.69
CA MET A 108 5.80 7.29 -17.14
C MET A 108 4.53 6.67 -17.71
N GLY A 109 4.59 6.22 -18.95
CA GLY A 109 3.38 5.76 -19.63
C GLY A 109 2.97 4.35 -19.26
N TRP A 110 3.92 3.56 -18.78
CA TRP A 110 3.63 2.25 -18.21
C TRP A 110 2.77 2.40 -16.93
N ILE A 111 3.20 3.29 -16.03
CA ILE A 111 2.46 3.68 -14.84
C ILE A 111 1.04 4.14 -15.21
N ALA A 112 0.95 5.21 -16.00
CA ALA A 112 -0.36 5.80 -16.36
C ALA A 112 -1.43 4.81 -16.84
N LYS A 113 -1.01 3.81 -17.60
CA LYS A 113 -1.97 2.86 -18.15
C LYS A 113 -2.26 1.81 -17.08
N ALA A 114 -1.30 1.62 -16.18
CA ALA A 114 -1.43 0.66 -15.07
C ALA A 114 -2.57 1.07 -14.12
N ILE A 115 -2.60 2.38 -13.86
CA ILE A 115 -3.60 3.01 -13.06
C ILE A 115 -4.90 2.83 -13.78
N ARG A 116 -4.96 3.30 -15.04
CA ARG A 116 -6.20 3.22 -15.82
C ARG A 116 -6.65 1.78 -15.93
N TYR A 117 -5.69 0.87 -16.12
CA TYR A 117 -6.05 -0.52 -16.28
C TYR A 117 -6.95 -0.87 -15.12
N ALA A 118 -6.38 -0.77 -13.91
CA ALA A 118 -6.99 -1.18 -12.65
C ALA A 118 -8.35 -0.52 -12.35
N VAL A 119 -8.46 0.77 -12.65
CA VAL A 119 -9.75 1.42 -12.51
C VAL A 119 -10.77 0.74 -13.42
N ASP A 120 -10.50 0.75 -14.72
CA ASP A 120 -11.39 0.22 -15.79
C ASP A 120 -11.60 -1.28 -15.72
N TRP A 121 -10.68 -1.98 -15.06
CA TRP A 121 -10.79 -3.42 -14.85
C TRP A 121 -12.12 -3.87 -14.26
N ARG A 122 -12.51 -5.10 -14.55
CA ARG A 122 -13.51 -5.83 -13.81
C ARG A 122 -13.06 -7.28 -13.91
N GLY A 123 -13.59 -8.12 -13.04
CA GLY A 123 -13.33 -9.55 -13.09
C GLY A 123 -14.65 -10.26 -13.22
N PRO A 124 -14.61 -11.60 -13.37
CA PRO A 124 -15.78 -12.46 -13.54
C PRO A 124 -17.09 -11.83 -13.06
N LYS A 125 -17.28 -11.67 -11.74
CA LYS A 125 -18.55 -11.20 -11.19
C LYS A 125 -18.84 -9.73 -11.45
N GLY A 126 -17.82 -8.98 -11.83
CA GLY A 126 -17.90 -7.51 -11.79
C GLY A 126 -17.25 -7.03 -10.50
N GLU A 127 -16.49 -7.93 -9.88
CA GLU A 127 -15.57 -7.60 -8.80
C GLU A 127 -14.55 -6.57 -9.31
N GLN A 128 -14.71 -5.30 -8.90
CA GLN A 128 -13.73 -4.26 -9.23
C GLN A 128 -12.72 -3.97 -8.10
N MET A 129 -11.79 -3.05 -8.35
CA MET A 129 -10.71 -2.70 -7.40
C MET A 129 -11.02 -1.40 -6.65
N ARG A 130 -10.60 -1.33 -5.39
CA ARG A 130 -10.90 -0.11 -4.60
C ARG A 130 -9.66 0.63 -4.14
N ILE A 131 -8.59 -0.13 -3.93
CA ILE A 131 -7.29 0.38 -3.55
C ILE A 131 -6.31 0.03 -4.67
N ILE A 132 -5.39 0.97 -4.91
CA ILE A 132 -4.20 0.72 -5.72
C ILE A 132 -2.97 1.18 -4.97
N THR A 133 -1.92 0.39 -5.09
CA THR A 133 -0.68 0.73 -4.45
C THR A 133 0.54 0.82 -5.42
N MET A 134 1.40 1.80 -5.19
CA MET A 134 2.55 2.06 -6.06
C MET A 134 3.73 2.47 -5.24
N SER A 135 4.60 1.52 -4.96
CA SER A 135 5.86 1.80 -4.24
C SER A 135 6.96 2.09 -5.26
N LEU A 136 6.83 3.26 -5.88
CA LEU A 136 7.57 3.67 -7.04
C LEU A 136 7.45 5.19 -7.20
N GLY A 137 8.50 5.81 -7.71
CA GLY A 137 8.57 7.28 -7.80
C GLY A 137 9.38 7.78 -8.97
N GLY A 138 9.06 8.99 -9.39
CA GLY A 138 9.71 9.61 -10.52
C GLY A 138 9.82 11.08 -10.24
N PRO A 139 10.97 11.69 -10.56
CA PRO A 139 11.27 13.08 -10.29
C PRO A 139 10.41 14.02 -11.12
N THR A 140 9.76 13.45 -12.14
CA THR A 140 9.06 14.22 -13.17
C THR A 140 7.50 14.25 -13.17
N ASP A 141 6.97 15.45 -12.98
CA ASP A 141 5.54 15.77 -13.16
C ASP A 141 5.10 15.78 -14.61
N SER A 142 4.64 14.65 -15.11
CA SER A 142 3.95 14.67 -16.39
C SER A 142 2.46 14.63 -16.18
N GLU A 143 1.78 15.69 -16.59
CA GLU A 143 0.33 15.67 -16.66
C GLU A 143 -0.14 14.40 -17.37
N GLU A 144 -1.34 13.93 -17.02
CA GLU A 144 -1.89 12.66 -17.55
C GLU A 144 -1.35 11.40 -16.84
N LEU A 145 -0.24 11.54 -16.11
CA LEU A 145 -0.02 10.71 -14.92
C LEU A 145 -0.98 11.32 -13.92
N HIS A 146 -0.86 12.63 -13.72
CA HIS A 146 -1.80 13.34 -12.89
C HIS A 146 -3.22 12.90 -13.22
N ASP A 147 -3.56 12.88 -14.50
CA ASP A 147 -4.93 12.59 -14.96
C ASP A 147 -5.36 11.16 -14.65
N ALA A 148 -4.42 10.21 -14.76
CA ALA A 148 -4.71 8.82 -14.48
C ALA A 148 -5.14 8.79 -13.04
N VAL A 149 -4.30 9.42 -12.22
CA VAL A 149 -4.52 9.58 -10.80
C VAL A 149 -5.92 10.17 -10.53
N LYS A 150 -6.23 11.32 -11.15
CA LYS A 150 -7.52 12.00 -10.93
C LYS A 150 -8.61 11.15 -11.49
N TYR A 151 -8.27 10.34 -12.50
CA TYR A 151 -9.28 9.48 -13.10
C TYR A 151 -9.70 8.48 -12.01
N ALA A 152 -8.70 7.98 -11.30
CA ALA A 152 -8.86 6.93 -10.30
C ALA A 152 -9.62 7.45 -9.10
N VAL A 153 -9.12 8.52 -8.53
CA VAL A 153 -9.70 9.10 -7.37
C VAL A 153 -11.18 9.46 -7.55
N SER A 154 -11.57 9.98 -8.72
CA SER A 154 -12.99 10.28 -8.87
C SER A 154 -13.88 9.11 -9.29
N ASN A 155 -13.31 7.92 -9.44
CA ASN A 155 -14.10 6.69 -9.57
C ASN A 155 -13.94 5.87 -8.33
N ASN A 156 -14.03 6.55 -7.19
CA ASN A 156 -13.83 5.94 -5.88
C ASN A 156 -12.75 4.84 -5.78
N VAL A 157 -11.56 5.16 -6.26
CA VAL A 157 -10.39 4.32 -6.00
C VAL A 157 -9.36 5.11 -5.17
N SER A 158 -8.71 4.44 -4.23
CA SER A 158 -7.74 5.13 -3.37
C SER A 158 -6.35 4.82 -3.87
N VAL A 159 -5.51 5.85 -3.96
CA VAL A 159 -4.21 5.67 -4.55
C VAL A 159 -3.11 5.88 -3.52
N VAL A 160 -2.35 4.83 -3.28
CA VAL A 160 -1.36 4.82 -2.21
C VAL A 160 0.07 4.78 -2.73
N CYS A 161 0.89 5.76 -2.38
CA CYS A 161 2.19 5.92 -3.02
C CYS A 161 3.28 6.09 -2.01
N ALA A 162 4.41 5.46 -2.29
CA ALA A 162 5.68 5.70 -1.60
C ALA A 162 6.06 7.16 -1.77
N ALA A 163 6.54 7.80 -0.72
CA ALA A 163 6.87 9.23 -0.77
C ALA A 163 8.12 9.53 -1.59
N GLY A 164 9.07 8.59 -1.58
CA GLY A 164 10.37 8.77 -2.20
C GLY A 164 11.46 8.65 -1.17
N ASN A 165 12.58 8.05 -1.56
CA ASN A 165 13.75 7.95 -0.70
C ASN A 165 14.87 8.90 -1.16
N GLU A 166 14.54 10.15 -1.45
CA GLU A 166 15.55 11.12 -1.83
C GLU A 166 15.58 12.28 -0.84
N GLY A 167 15.75 11.97 0.42
CA GLY A 167 15.80 13.00 1.42
C GLY A 167 16.87 12.82 2.47
N ASP A 168 17.14 13.91 3.18
CA ASP A 168 18.16 13.98 4.24
C ASP A 168 17.62 13.60 5.64
N GLY A 169 17.60 14.57 6.56
CA GLY A 169 17.18 14.31 7.92
C GLY A 169 16.60 15.61 8.42
N ARG A 170 16.51 16.56 7.51
CA ARG A 170 15.78 17.77 7.79
C ARG A 170 14.34 17.60 7.28
N GLU A 171 13.45 17.83 8.22
CA GLU A 171 12.03 17.96 7.97
C GLU A 171 11.77 19.15 7.02
N ASP A 172 12.66 20.14 7.11
CA ASP A 172 12.50 21.41 6.40
C ASP A 172 13.13 21.51 4.99
N THR A 173 13.98 20.55 4.60
CA THR A 173 14.34 20.41 3.19
C THR A 173 13.13 19.73 2.63
N ASN A 174 12.51 20.30 1.62
CA ASN A 174 11.57 19.41 0.97
C ASN A 174 11.86 18.90 -0.43
N GLU A 175 11.77 17.58 -0.54
CA GLU A 175 12.14 16.81 -1.69
C GLU A 175 10.86 16.05 -2.20
N PHE A 176 10.59 16.03 -3.51
CA PHE A 176 9.35 15.41 -4.07
C PHE A 176 9.63 14.18 -4.90
N ALA A 177 8.60 13.36 -5.10
CA ALA A 177 8.62 12.29 -6.10
C ALA A 177 7.17 12.19 -6.55
N TYR A 178 6.97 11.67 -7.76
CA TYR A 178 5.64 11.50 -8.37
C TYR A 178 5.35 10.01 -8.50
N PRO A 179 4.11 9.57 -8.19
CA PRO A 179 2.91 10.40 -8.01
C PRO A 179 2.64 10.83 -6.59
N ALA A 180 3.44 10.37 -5.64
CA ALA A 180 3.25 10.77 -4.25
C ALA A 180 3.10 12.25 -4.07
N ALA A 181 3.65 13.01 -5.01
CA ALA A 181 3.71 14.46 -4.86
C ALA A 181 2.39 15.13 -5.17
N TYR A 182 1.51 14.46 -5.93
CA TYR A 182 0.14 14.97 -6.18
C TYR A 182 -0.75 14.84 -4.97
N ASN A 183 -1.60 15.82 -4.79
CA ASN A 183 -2.47 15.91 -3.63
C ASN A 183 -3.51 14.79 -3.45
N GLU A 184 -4.08 14.34 -4.57
CA GLU A 184 -5.17 13.36 -4.66
C GLU A 184 -4.75 11.96 -4.19
N VAL A 185 -3.45 11.79 -4.01
CA VAL A 185 -2.86 10.50 -3.73
C VAL A 185 -2.69 10.40 -2.23
N ILE A 186 -2.52 9.19 -1.72
CA ILE A 186 -2.16 9.04 -0.33
C ILE A 186 -0.68 8.75 -0.31
N ALA A 187 0.11 9.73 0.14
CA ALA A 187 1.57 9.67 0.02
C ALA A 187 2.14 9.27 1.36
N VAL A 188 2.93 8.21 1.36
CA VAL A 188 3.41 7.60 2.60
C VAL A 188 4.93 7.65 2.71
N GLY A 189 5.39 8.27 3.80
CA GLY A 189 6.79 8.24 4.15
C GLY A 189 7.11 7.13 5.13
N ALA A 190 8.38 7.08 5.55
CA ALA A 190 8.87 5.92 6.29
C ALA A 190 9.52 6.31 7.61
N VAL A 191 9.20 5.52 8.64
CA VAL A 191 9.85 5.55 9.93
C VAL A 191 10.31 4.10 10.26
N ASP A 192 11.18 3.95 11.27
CA ASP A 192 11.66 2.63 11.69
C ASP A 192 10.85 2.19 12.88
N PHE A 193 11.23 1.06 13.49
CA PHE A 193 10.49 0.49 14.62
C PHE A 193 10.61 1.30 15.90
N ASP A 194 11.52 2.26 15.98
CA ASP A 194 11.52 3.18 17.14
C ASP A 194 10.85 4.52 16.84
N LEU A 195 10.05 4.56 15.77
CA LEU A 195 9.38 5.77 15.28
C LEU A 195 10.35 6.90 14.99
N ARG A 196 11.63 6.55 14.85
CA ARG A 196 12.62 7.51 14.38
C ARG A 196 12.30 7.73 12.91
N LEU A 197 12.47 8.95 12.47
CA LEU A 197 12.23 9.32 11.08
C LEU A 197 13.34 8.86 10.14
N SER A 198 13.17 7.74 9.46
CA SER A 198 14.20 7.23 8.54
C SER A 198 14.83 8.38 7.74
N ASP A 199 16.12 8.28 7.42
CA ASP A 199 16.82 9.39 6.76
C ASP A 199 16.34 9.64 5.33
N PHE A 200 16.20 8.57 4.56
CA PHE A 200 15.87 8.71 3.13
C PHE A 200 14.50 9.30 2.77
N THR A 201 13.57 9.39 3.75
CA THR A 201 12.19 9.74 3.44
C THR A 201 11.96 11.17 2.94
N ASN A 202 11.45 11.29 1.72
CA ASN A 202 11.09 12.62 1.19
C ASN A 202 10.12 13.37 2.10
N THR A 203 10.39 14.65 2.32
CA THR A 203 9.49 15.50 3.10
C THR A 203 8.96 16.54 2.12
N ASN A 204 7.71 16.95 2.31
CA ASN A 204 7.08 17.97 1.49
C ASN A 204 5.69 18.36 2.05
N GLU A 205 4.97 19.23 1.35
CA GLU A 205 3.71 19.72 1.87
C GLU A 205 2.54 18.78 1.48
N GLU A 206 2.87 17.64 0.89
CA GLU A 206 1.86 16.73 0.39
C GLU A 206 1.96 15.30 0.99
N ILE A 207 2.52 15.17 2.17
CA ILE A 207 2.70 13.83 2.74
C ILE A 207 1.45 13.57 3.59
N ASP A 208 0.90 12.35 3.52
CA ASP A 208 -0.35 12.10 4.25
C ASP A 208 -0.09 11.38 5.57
N ILE A 209 0.89 10.50 5.60
CA ILE A 209 1.00 9.59 6.73
C ILE A 209 2.35 8.90 6.64
N VAL A 210 2.76 8.20 7.69
CA VAL A 210 3.96 7.40 7.63
C VAL A 210 3.69 6.03 8.22
N ALA A 211 4.55 5.07 7.87
CA ALA A 211 4.37 3.71 8.33
C ALA A 211 5.74 3.07 8.37
N PRO A 212 5.86 1.85 8.92
CA PRO A 212 7.19 1.20 8.96
C PRO A 212 7.82 1.00 7.57
N GLY A 213 9.06 1.46 7.43
CA GLY A 213 9.79 1.37 6.17
C GLY A 213 11.26 1.00 6.24
N VAL A 214 11.69 0.50 7.40
CA VAL A 214 13.07 0.12 7.64
C VAL A 214 13.17 -1.36 8.01
N GLY A 215 13.87 -2.13 7.18
CA GLY A 215 14.09 -3.54 7.44
C GLY A 215 12.81 -4.34 7.52
N ILE A 216 11.98 -4.20 6.52
CA ILE A 216 10.72 -4.92 6.51
C ILE A 216 10.92 -6.34 5.99
N LYS A 217 10.80 -7.32 6.88
CA LYS A 217 10.73 -8.72 6.49
C LYS A 217 9.39 -8.93 5.77
N SER A 218 9.46 -9.50 4.56
CA SER A 218 8.30 -9.92 3.79
C SER A 218 8.68 -11.04 2.80
N THR A 219 7.68 -11.47 2.03
CA THR A 219 7.82 -12.46 0.97
C THR A 219 8.85 -12.03 -0.04
N TYR A 220 9.78 -12.95 -0.32
CA TYR A 220 10.79 -12.74 -1.35
C TYR A 220 10.68 -13.75 -2.49
N LEU A 221 11.44 -13.49 -3.56
CA LEU A 221 11.58 -14.35 -4.75
C LEU A 221 12.02 -15.75 -4.45
N ASP A 222 11.65 -16.66 -5.35
CA ASP A 222 11.99 -18.08 -5.23
C ASP A 222 11.55 -18.51 -3.83
N SER A 223 10.23 -18.43 -3.61
CA SER A 223 9.57 -18.61 -2.30
C SER A 223 10.37 -18.22 -1.04
N GLY A 224 11.16 -17.15 -1.13
CA GLY A 224 11.99 -16.76 -0.01
C GLY A 224 11.35 -15.76 0.94
N TYR A 225 12.21 -15.17 1.77
CA TYR A 225 11.87 -14.08 2.67
C TYR A 225 13.07 -13.17 2.75
N ALA A 226 12.81 -11.86 2.70
CA ALA A 226 13.87 -10.88 2.78
C ALA A 226 13.44 -9.62 3.53
N GLU A 227 14.42 -8.92 4.09
CA GLU A 227 14.20 -7.62 4.71
C GLU A 227 14.69 -6.47 3.82
N LEU A 228 13.76 -5.74 3.19
CA LEU A 228 14.10 -4.52 2.45
C LEU A 228 13.80 -3.25 3.23
N SER A 229 14.20 -2.11 2.65
CA SER A 229 13.98 -0.81 3.24
C SER A 229 13.72 0.29 2.21
N GLY A 230 12.95 1.30 2.64
CA GLY A 230 12.39 2.28 1.71
C GLY A 230 10.93 2.61 1.96
N THR A 231 10.54 3.79 1.48
CA THR A 231 9.14 4.21 1.50
C THR A 231 8.29 3.26 0.66
N ALA A 232 8.94 2.45 -0.17
CA ALA A 232 8.27 1.36 -0.88
C ALA A 232 7.72 0.31 0.07
N MET A 233 8.25 0.26 1.28
CA MET A 233 7.79 -0.75 2.20
C MET A 233 6.75 -0.14 3.12
N ALA A 234 6.83 1.18 3.34
CA ALA A 234 5.83 1.88 4.12
C ALA A 234 4.51 1.78 3.39
N ALA A 235 4.46 2.33 2.19
CA ALA A 235 3.25 2.32 1.36
C ALA A 235 2.31 1.09 1.48
N PRO A 236 2.83 -0.15 1.35
CA PRO A 236 1.84 -1.24 1.40
C PRO A 236 1.09 -1.42 2.76
N HIS A 237 1.69 -1.04 3.88
CA HIS A 237 0.98 -1.16 5.16
C HIS A 237 -0.28 -0.32 5.10
N VAL A 238 -0.18 0.88 4.54
CA VAL A 238 -1.34 1.75 4.40
C VAL A 238 -2.28 1.24 3.30
N ALA A 239 -1.74 0.51 2.32
CA ALA A 239 -2.56 -0.11 1.28
C ALA A 239 -3.50 -1.12 1.95
N GLY A 240 -2.92 -2.10 2.65
CA GLY A 240 -3.67 -3.08 3.45
C GLY A 240 -4.57 -2.39 4.46
N ALA A 241 -4.03 -1.38 5.15
CA ALA A 241 -4.85 -0.73 6.18
C ALA A 241 -6.14 -0.26 5.56
N LEU A 242 -6.09 0.12 4.30
CA LEU A 242 -7.33 0.62 3.70
C LEU A 242 -8.37 -0.44 3.46
N ALA A 243 -7.95 -1.67 3.25
CA ALA A 243 -8.97 -2.71 3.03
C ALA A 243 -9.68 -2.97 4.36
N LEU A 244 -8.89 -3.10 5.44
CA LEU A 244 -9.44 -3.15 6.78
C LEU A 244 -10.42 -2.02 7.00
N ILE A 245 -10.00 -0.78 6.71
CA ILE A 245 -10.76 0.42 7.10
C ILE A 245 -12.07 0.50 6.35
N ILE A 246 -12.04 0.15 5.08
CA ILE A 246 -13.26 0.17 4.26
C ILE A 246 -14.31 -0.77 4.89
N ASN A 247 -13.91 -2.01 5.13
CA ASN A 247 -14.77 -3.04 5.73
C ASN A 247 -15.35 -2.65 7.07
N LEU A 248 -14.48 -2.17 7.95
CA LEU A 248 -14.92 -1.91 9.31
C LEU A 248 -15.82 -0.67 9.37
N ALA A 249 -15.56 0.30 8.48
CA ALA A 249 -16.31 1.56 8.42
C ALA A 249 -17.57 1.41 7.59
N GLU A 250 -17.56 0.53 6.60
CA GLU A 250 -18.84 0.25 5.96
C GLU A 250 -19.79 -0.56 6.83
N ASP A 251 -19.29 -1.48 7.64
CA ASP A 251 -20.04 -2.08 8.74
C ASP A 251 -20.69 -0.96 9.52
N ALA A 252 -19.88 -0.32 10.36
CA ALA A 252 -20.31 0.85 11.17
C ALA A 252 -21.25 1.85 10.52
N PHE A 253 -21.00 2.32 9.30
CA PHE A 253 -21.82 3.40 8.73
C PHE A 253 -22.98 2.88 7.94
N LYS A 254 -22.92 1.58 7.61
CA LYS A 254 -24.01 0.76 7.04
C LYS A 254 -24.37 1.21 5.64
N ARG A 255 -23.37 1.68 4.92
CA ARG A 255 -23.52 2.04 3.53
C ARG A 255 -22.16 2.03 2.90
N SER A 256 -22.13 2.37 1.63
CA SER A 256 -20.93 2.67 0.92
C SER A 256 -20.37 4.03 1.34
N LEU A 257 -19.05 4.14 1.37
CA LEU A 257 -18.38 5.42 1.64
C LEU A 257 -17.61 5.94 0.46
N SER A 258 -17.62 7.24 0.25
CA SER A 258 -16.74 7.87 -0.74
C SER A 258 -15.23 7.79 -0.47
N GLU A 259 -14.45 8.06 -1.50
CA GLU A 259 -13.02 8.34 -1.36
C GLU A 259 -12.72 9.28 -0.21
N THR A 260 -13.42 10.42 -0.15
CA THR A 260 -13.31 11.37 0.96
C THR A 260 -13.47 10.65 2.30
N GLU A 261 -14.51 9.84 2.39
CA GLU A 261 -14.91 9.32 3.66
C GLU A 261 -13.87 8.37 4.12
N ILE A 262 -13.30 7.62 3.15
CA ILE A 262 -12.27 6.66 3.42
C ILE A 262 -11.01 7.33 3.96
N TYR A 263 -10.56 8.35 3.24
CA TYR A 263 -9.41 9.11 3.66
C TYR A 263 -9.60 9.60 5.12
N ALA A 264 -10.73 10.23 5.45
CA ALA A 264 -11.00 10.72 6.83
C ALA A 264 -10.81 9.60 7.86
N GLN A 265 -11.36 8.44 7.53
CA GLN A 265 -11.22 7.25 8.35
C GLN A 265 -9.81 6.78 8.45
N LEU A 266 -9.03 6.87 7.40
CA LEU A 266 -7.60 6.52 7.50
C LEU A 266 -6.92 7.47 8.52
N VAL A 267 -7.21 8.75 8.36
CA VAL A 267 -6.45 9.82 8.93
C VAL A 267 -6.74 9.89 10.44
N ARG A 268 -7.95 9.49 10.80
CA ARG A 268 -8.24 9.38 12.18
C ARG A 268 -7.64 8.13 12.81
N ARG A 269 -6.95 7.33 12.03
CA ARG A 269 -6.20 6.22 12.61
C ARG A 269 -4.71 6.51 12.45
N ALA A 270 -4.38 7.79 12.56
CA ALA A 270 -3.01 8.23 12.48
C ALA A 270 -2.71 9.10 13.71
N THR A 271 -1.56 8.82 14.28
CA THR A 271 -1.10 9.39 15.52
C THR A 271 0.17 10.17 15.27
N PRO A 272 0.13 11.48 15.47
CA PRO A 272 1.32 12.33 15.27
C PRO A 272 2.39 11.87 16.26
N ILE A 273 3.67 11.99 15.89
CA ILE A 273 4.82 11.55 16.74
C ILE A 273 5.62 12.66 17.47
N GLY A 274 5.94 13.72 16.75
CA GLY A 274 6.65 14.83 17.28
C GLY A 274 7.32 15.53 16.13
N PHE A 275 7.09 15.02 14.91
CA PHE A 275 7.62 15.63 13.70
C PHE A 275 6.61 16.58 13.07
N THR A 276 7.08 17.42 12.16
CA THR A 276 6.22 18.35 11.45
C THR A 276 5.34 17.58 10.47
N ALA A 277 4.25 18.22 10.01
CA ALA A 277 3.35 17.61 9.04
C ALA A 277 4.05 17.41 7.66
N GLN A 278 5.05 18.23 7.34
CA GLN A 278 5.81 18.03 6.10
C GLN A 278 6.57 16.71 6.11
N ALA A 279 6.83 16.21 7.31
CA ALA A 279 7.56 15.00 7.51
C ALA A 279 6.66 13.80 7.77
N GLU A 280 5.74 13.90 8.74
CA GLU A 280 4.88 12.76 9.12
C GLU A 280 3.44 12.87 8.59
N GLY A 281 3.15 13.96 7.90
CA GLY A 281 1.78 14.15 7.48
C GLY A 281 0.88 14.23 8.70
N ASN A 282 -0.06 13.31 8.81
CA ASN A 282 -1.07 13.37 9.79
C ASN A 282 -0.62 12.50 10.96
N GLY A 283 0.49 11.79 10.77
CA GLY A 283 1.01 10.94 11.82
C GLY A 283 1.40 9.55 11.37
N PHE A 284 1.61 8.68 12.36
CA PHE A 284 1.95 7.28 12.13
C PHE A 284 0.67 6.44 12.21
N LEU A 285 0.57 5.46 11.31
CA LEU A 285 -0.65 4.66 11.18
C LEU A 285 -0.83 3.76 12.41
N THR A 286 -1.92 4.01 13.14
CA THR A 286 -2.28 3.27 14.34
C THR A 286 -3.71 2.83 14.11
N LEU A 287 -3.90 1.60 13.65
CA LEU A 287 -5.21 1.14 13.24
C LEU A 287 -6.24 0.96 14.35
N ASP A 288 -5.80 0.94 15.59
CA ASP A 288 -6.74 0.74 16.70
C ASP A 288 -7.05 2.04 17.44
N LEU A 289 -6.47 3.13 16.98
CA LEU A 289 -6.67 4.42 17.64
C LEU A 289 -8.13 4.77 17.94
N VAL A 290 -9.06 4.41 17.07
CA VAL A 290 -10.45 4.86 17.26
C VAL A 290 -11.09 4.18 18.46
N GLU A 291 -11.13 2.84 18.49
CA GLU A 291 -11.41 2.02 19.70
C GLU A 291 -10.75 2.59 20.96
N ARG A 292 -9.43 2.80 20.92
CA ARG A 292 -8.76 3.27 22.11
C ARG A 292 -9.27 4.61 22.60
N ILE A 293 -9.71 5.51 21.73
CA ILE A 293 -10.17 6.78 22.25
C ILE A 293 -11.59 6.60 22.72
N THR A 294 -12.26 5.55 22.25
CA THR A 294 -13.63 5.44 22.59
C THR A 294 -13.87 4.65 23.86
N GLY A 295 -13.02 3.66 24.13
CA GLY A 295 -13.05 2.92 25.40
C GLY A 295 -14.39 2.51 25.97
N GLN A 296 -15.28 1.94 25.15
CA GLN A 296 -16.43 1.23 25.69
C GLN A 296 -15.89 -0.07 26.31
N PHE A 297 -16.47 -0.44 27.45
CA PHE A 297 -16.20 -1.71 28.06
C PHE A 297 -17.39 -2.60 27.81
N THR A 298 -17.13 -3.77 27.25
CA THR A 298 -18.18 -4.69 26.86
C THR A 298 -18.01 -5.98 27.66
N GLU A 299 -19.09 -6.71 27.85
CA GLU A 299 -19.05 -8.06 28.37
C GLU A 299 -18.01 -8.91 27.62
N LYS A 300 -17.74 -10.11 28.13
CA LYS A 300 -16.76 -11.00 27.51
C LYS A 300 -17.22 -12.47 27.27
N GLY A 301 -18.54 -12.69 27.19
CA GLY A 301 -19.09 -13.99 26.76
C GLY A 301 -20.42 -13.90 26.01
NA NA B . 2.07 -16.71 6.03
SR SR C . -2.82 13.45 -0.23
CA CA D . 13.92 16.88 3.88
OH2 1PE E . -6.38 8.12 -3.32
C12 1PE E . -6.34 9.16 -2.32
C22 1PE E . -7.73 9.70 -1.88
OH3 1PE E . -7.79 11.16 -1.54
C13 1PE E . -6.83 13.25 -0.59
C23 1PE E . -6.55 11.80 -1.03
OH4 1PE E . -5.76 13.41 0.32
C14 1PE E . -4.61 15.39 0.34
C24 1PE E . -5.87 14.72 0.78
OH5 1PE E . -3.33 14.98 0.89
C15 1PE E . -0.82 14.68 -0.08
C25 1PE E . -2.08 15.58 0.24
OH6 1PE E . -0.53 13.84 -1.33
#